data_5JH2
#
_entry.id   5JH2
#
_cell.length_a   47.219
_cell.length_b   55.857
_cell.length_c   105.740
_cell.angle_alpha   90.000
_cell.angle_beta   90.000
_cell.angle_gamma   90.000
#
_symmetry.space_group_name_H-M   'P 21 21 21'
#
loop_
_entity.id
_entity.type
_entity.pdbx_description
1 polymer 'Aldose reductase, AKR4C7'
2 non-polymer "ADENOSINE-2'-5'-DIPHOSPHATE"
3 non-polymer 1,2-ETHANEDIOL
4 non-polymer 'CHLORIDE ION'
5 water water
#
_entity_poly.entity_id   1
_entity_poly.type   'polypeptide(L)'
_entity_poly.pdbx_seq_one_letter_code
;MARHFVLNTGAKIPSVGLGSWQSDPGVVGNAVYAAVKAGYRHIDCARVYGNEKEIGLALKKLFEEGVVKREDMFITSKLW
NDHHAPEDVPEALNDSLNDLQLEYLDLYLIHWPFRVKKGTNTSPENFVTPDFPATWGAMEKLYDAGKARAIGVSNFSSKK
LGDLLAVARVPPAVDQVECHPGWQQTKLHSFCQSTGVHLTAYSPLGSPGTTWMNGNVLKEPIIISIAEKLGKTSAQVALR
WNIQMGHSVLPKSTNEERIKQNLDVYDWSIPDDLLAKFSEIKQARLLRGNFIVNPESVYKTHEELWDGEL
;
_entity_poly.pdbx_strand_id   A
#
# COMPACT_ATOMS: atom_id res chain seq x y z
N ALA A 2 8.41 -8.54 -12.49
CA ALA A 2 6.94 -8.70 -12.61
C ALA A 2 6.29 -7.38 -12.31
N ARG A 3 4.97 -7.39 -12.36
CA ARG A 3 4.18 -6.27 -11.90
C ARG A 3 3.67 -6.51 -10.45
N HIS A 4 4.33 -7.39 -9.70
CA HIS A 4 4.00 -7.71 -8.33
C HIS A 4 5.19 -8.14 -7.54
N PHE A 5 5.07 -8.01 -6.20
CA PHE A 5 5.97 -8.61 -5.24
C PHE A 5 5.24 -9.79 -4.59
N VAL A 6 6.01 -10.65 -3.96
CA VAL A 6 5.44 -11.79 -3.27
C VAL A 6 5.64 -11.65 -1.80
N LEU A 7 4.54 -11.65 -1.04
CA LEU A 7 4.60 -11.52 0.36
C LEU A 7 5.11 -12.82 0.99
N ASN A 8 5.42 -12.71 2.25
CA ASN A 8 5.88 -13.87 3.13
C ASN A 8 4.82 -14.95 3.28
N THR A 9 3.56 -14.65 2.95
CA THR A 9 2.51 -15.63 2.84
C THR A 9 2.48 -16.40 1.53
N GLY A 10 3.20 -15.92 0.52
CA GLY A 10 3.16 -16.43 -0.80
C GLY A 10 2.23 -15.69 -1.72
N ALA A 11 1.44 -14.76 -1.18
CA ALA A 11 0.48 -14.07 -1.96
C ALA A 11 1.21 -13.00 -2.82
N LYS A 12 0.68 -12.73 -3.99
CA LYS A 12 1.19 -11.67 -4.81
C LYS A 12 0.54 -10.34 -4.46
N ILE A 13 1.36 -9.31 -4.34
CA ILE A 13 0.86 -7.98 -4.09
C ILE A 13 1.25 -7.12 -5.31
N PRO A 14 0.27 -6.59 -6.05
CA PRO A 14 0.63 -5.78 -7.17
C PRO A 14 1.47 -4.59 -6.72
N SER A 15 2.46 -4.23 -7.53
N SER A 15 2.51 -4.24 -7.47
CA SER A 15 3.48 -3.26 -7.12
CA SER A 15 3.47 -3.29 -6.93
C SER A 15 2.94 -1.87 -6.98
C SER A 15 2.99 -1.83 -7.01
N VAL A 16 1.93 -1.55 -7.78
CA VAL A 16 1.26 -0.28 -7.70
C VAL A 16 -0.17 -0.52 -7.22
N GLY A 17 -0.55 0.30 -6.21
CA GLY A 17 -1.94 0.43 -5.78
C GLY A 17 -2.44 1.81 -5.74
N LEU A 18 -3.75 1.99 -5.76
CA LEU A 18 -4.30 3.30 -5.49
C LEU A 18 -4.30 3.57 -3.94
N GLY A 19 -3.70 4.67 -3.56
CA GLY A 19 -3.64 5.10 -2.18
C GLY A 19 -4.97 5.49 -1.61
N SER A 20 -5.03 5.57 -0.27
CA SER A 20 -6.31 5.95 0.43
C SER A 20 -6.31 7.39 0.99
N TRP A 21 -7.47 8.02 0.91
CA TRP A 21 -7.64 9.37 1.32
C TRP A 21 -9.13 9.64 1.35
N GLN A 22 -9.46 10.80 1.94
CA GLN A 22 -10.85 11.30 2.00
C GLN A 22 -11.04 12.44 1.02
N SER A 23 -12.20 12.51 0.35
CA SER A 23 -12.44 13.65 -0.52
C SER A 23 -13.93 13.91 -0.52
N ASP A 24 -14.36 14.71 -1.46
CA ASP A 24 -15.80 14.97 -1.60
C ASP A 24 -16.54 13.68 -2.04
N PRO A 25 -17.83 13.57 -1.77
CA PRO A 25 -18.62 12.43 -2.21
C PRO A 25 -18.44 12.01 -3.69
N GLY A 26 -18.17 10.72 -3.93
CA GLY A 26 -17.96 10.21 -5.28
C GLY A 26 -16.57 10.25 -5.84
N VAL A 27 -15.72 11.10 -5.29
CA VAL A 27 -14.42 11.42 -5.90
C VAL A 27 -13.54 10.16 -5.81
N VAL A 28 -13.44 9.62 -4.60
CA VAL A 28 -12.63 8.37 -4.37
C VAL A 28 -13.20 7.19 -5.19
N GLY A 29 -14.53 6.97 -5.14
CA GLY A 29 -15.16 5.87 -5.94
C GLY A 29 -14.82 5.98 -7.39
N ASN A 30 -14.90 7.20 -7.94
CA ASN A 30 -14.58 7.46 -9.33
C ASN A 30 -13.09 7.15 -9.67
N ALA A 31 -12.22 7.52 -8.76
CA ALA A 31 -10.80 7.18 -8.86
C ALA A 31 -10.55 5.69 -8.85
N VAL A 32 -11.24 4.98 -7.96
CA VAL A 32 -11.10 3.53 -7.87
C VAL A 32 -11.52 2.92 -9.20
N TYR A 33 -12.67 3.37 -9.69
CA TYR A 33 -13.19 2.84 -10.91
C TYR A 33 -12.21 3.10 -12.09
N ALA A 34 -11.73 4.34 -12.20
CA ALA A 34 -10.85 4.73 -13.27
C ALA A 34 -9.53 3.95 -13.18
N ALA A 35 -9.06 3.79 -11.95
CA ALA A 35 -7.81 3.07 -11.71
C ALA A 35 -7.90 1.62 -12.18
N VAL A 36 -8.94 0.93 -11.77
CA VAL A 36 -9.06 -0.46 -12.11
C VAL A 36 -9.25 -0.66 -13.63
N LYS A 37 -10.09 0.21 -14.24
CA LYS A 37 -10.23 0.23 -15.71
C LYS A 37 -8.90 0.42 -16.42
N ALA A 38 -8.03 1.23 -15.82
CA ALA A 38 -6.66 1.45 -16.41
C ALA A 38 -5.69 0.35 -16.16
N GLY A 39 -6.06 -0.67 -15.36
CA GLY A 39 -5.18 -1.75 -15.06
C GLY A 39 -4.76 -1.94 -13.63
N TYR A 40 -5.15 -1.07 -12.71
CA TYR A 40 -4.73 -1.28 -11.32
C TYR A 40 -5.43 -2.54 -10.76
N ARG A 41 -4.66 -3.30 -10.07
CA ARG A 41 -5.13 -4.49 -9.36
C ARG A 41 -4.99 -4.47 -7.83
N HIS A 42 -4.84 -3.26 -7.25
CA HIS A 42 -4.52 -3.09 -5.86
C HIS A 42 -5.15 -1.75 -5.46
N ILE A 43 -6.00 -1.82 -4.44
CA ILE A 43 -6.71 -0.71 -3.85
C ILE A 43 -6.48 -0.68 -2.39
N ASP A 44 -5.98 0.45 -1.91
CA ASP A 44 -5.74 0.68 -0.46
C ASP A 44 -6.92 1.50 0.15
N CYS A 45 -7.44 1.04 1.28
CA CYS A 45 -8.64 1.61 1.92
C CYS A 45 -8.38 1.83 3.39
N ALA A 46 -9.14 2.71 4.01
CA ALA A 46 -9.01 2.87 5.45
C ALA A 46 -10.36 3.35 5.99
N ARG A 47 -10.90 2.64 6.99
CA ARG A 47 -12.18 2.99 7.54
C ARG A 47 -12.18 4.40 8.15
N VAL A 48 -11.01 4.87 8.57
CA VAL A 48 -10.90 6.26 9.10
C VAL A 48 -11.38 7.32 8.11
N TYR A 49 -11.27 7.10 6.79
CA TYR A 49 -11.74 8.07 5.84
C TYR A 49 -13.28 8.08 5.69
N GLY A 50 -13.95 7.11 6.27
CA GLY A 50 -15.45 7.02 6.24
C GLY A 50 -16.01 6.78 4.83
N ASN A 51 -15.22 6.18 3.93
CA ASN A 51 -15.59 6.07 2.54
C ASN A 51 -15.54 4.63 1.99
N GLU A 52 -15.43 3.65 2.88
CA GLU A 52 -15.38 2.23 2.40
C GLU A 52 -16.68 1.82 1.74
N LYS A 53 -17.85 2.36 2.13
CA LYS A 53 -19.08 2.05 1.29
C LYS A 53 -19.01 2.56 -0.12
N GLU A 54 -18.54 3.78 -0.31
CA GLU A 54 -18.31 4.33 -1.63
C GLU A 54 -17.33 3.46 -2.44
N ILE A 55 -16.23 3.07 -1.81
CA ILE A 55 -15.26 2.19 -2.52
C ILE A 55 -15.93 0.88 -2.82
N GLY A 56 -16.71 0.31 -1.89
CA GLY A 56 -17.46 -0.90 -2.15
C GLY A 56 -18.37 -0.78 -3.36
N LEU A 57 -19.02 0.37 -3.52
CA LEU A 57 -19.86 0.64 -4.72
C LEU A 57 -19.06 0.65 -6.08
N ALA A 58 -17.87 1.24 -6.06
CA ALA A 58 -16.98 1.23 -7.18
C ALA A 58 -16.49 -0.18 -7.51
N LEU A 59 -16.05 -0.94 -6.46
CA LEU A 59 -15.64 -2.33 -6.69
C LEU A 59 -16.80 -3.20 -7.24
N LYS A 60 -18.00 -2.93 -6.73
CA LYS A 60 -19.16 -3.72 -7.11
C LYS A 60 -19.44 -3.52 -8.57
N LYS A 61 -19.37 -2.27 -9.03
CA LYS A 61 -19.53 -1.93 -10.42
C LYS A 61 -18.53 -2.62 -11.30
N LEU A 62 -17.27 -2.57 -10.88
CA LEU A 62 -16.22 -3.21 -11.65
C LEU A 62 -16.44 -4.68 -11.81
N PHE A 63 -16.81 -5.35 -10.72
CA PHE A 63 -17.05 -6.77 -10.76
C PHE A 63 -18.28 -7.13 -11.59
N GLU A 64 -19.38 -6.42 -11.39
N GLU A 64 -19.38 -6.41 -11.40
CA GLU A 64 -20.61 -6.64 -12.17
CA GLU A 64 -20.62 -6.67 -12.17
C GLU A 64 -20.37 -6.43 -13.68
C GLU A 64 -20.44 -6.35 -13.68
N GLU A 65 -19.51 -5.47 -14.02
CA GLU A 65 -19.21 -5.16 -15.40
C GLU A 65 -18.19 -6.15 -16.04
N GLY A 66 -17.66 -7.10 -15.27
CA GLY A 66 -16.68 -8.04 -15.72
C GLY A 66 -15.34 -7.39 -16.04
N VAL A 67 -15.04 -6.23 -15.45
CA VAL A 67 -13.76 -5.55 -15.68
C VAL A 67 -12.64 -6.39 -15.05
N VAL A 68 -12.92 -6.96 -13.88
CA VAL A 68 -11.98 -7.79 -13.18
C VAL A 68 -12.81 -8.75 -12.33
N LYS A 69 -12.18 -9.87 -11.98
CA LYS A 69 -12.72 -10.84 -10.98
C LYS A 69 -12.22 -10.47 -9.62
N ARG A 70 -12.93 -10.84 -8.55
CA ARG A 70 -12.50 -10.57 -7.20
C ARG A 70 -11.09 -11.12 -6.98
N GLU A 71 -10.83 -12.30 -7.48
CA GLU A 71 -9.53 -12.95 -7.22
C GLU A 71 -8.36 -12.22 -7.87
N ASP A 72 -8.58 -11.38 -8.87
N ASP A 72 -8.65 -11.45 -8.94
CA ASP A 72 -7.46 -10.67 -9.46
CA ASP A 72 -7.64 -10.61 -9.64
C ASP A 72 -7.22 -9.30 -8.80
C ASP A 72 -7.20 -9.39 -8.75
N MET A 73 -8.02 -8.96 -7.79
CA MET A 73 -7.83 -7.70 -7.00
C MET A 73 -7.19 -7.97 -5.72
N PHE A 74 -6.39 -7.01 -5.30
CA PHE A 74 -5.72 -7.00 -4.03
C PHE A 74 -6.29 -5.80 -3.23
N ILE A 75 -7.12 -6.09 -2.24
CA ILE A 75 -7.74 -5.06 -1.49
C ILE A 75 -7.19 -5.05 -0.09
N THR A 76 -6.83 -3.89 0.35
CA THR A 76 -6.24 -3.64 1.68
C THR A 76 -7.15 -2.71 2.48
N SER A 77 -7.39 -3.05 3.73
CA SER A 77 -7.94 -2.01 4.69
C SER A 77 -7.09 -1.95 5.93
N LYS A 78 -7.28 -0.89 6.68
CA LYS A 78 -6.43 -0.62 7.83
C LYS A 78 -7.21 -0.03 8.97
N LEU A 79 -6.75 -0.36 10.17
CA LEU A 79 -7.42 0.02 11.44
C LEU A 79 -6.45 0.75 12.30
N TRP A 80 -6.88 1.89 12.81
CA TRP A 80 -6.04 2.61 13.82
C TRP A 80 -6.65 2.36 15.18
N ASN A 81 -6.07 1.44 15.93
CA ASN A 81 -6.77 0.93 17.11
C ASN A 81 -6.26 1.50 18.42
N ASP A 82 -5.38 2.51 18.39
CA ASP A 82 -4.72 3.00 19.61
C ASP A 82 -5.68 3.24 20.77
N HIS A 83 -5.42 2.55 21.89
CA HIS A 83 -6.15 2.76 23.15
C HIS A 83 -7.55 2.21 23.08
N HIS A 84 -7.82 1.34 22.09
CA HIS A 84 -9.07 0.58 22.04
C HIS A 84 -8.82 -0.90 22.36
N ALA A 85 -9.91 -1.59 22.61
CA ALA A 85 -9.83 -2.99 23.02
C ALA A 85 -9.44 -3.87 21.81
N PRO A 86 -8.67 -4.96 22.06
CA PRO A 86 -8.42 -5.96 21.01
C PRO A 86 -9.69 -6.55 20.40
N GLU A 87 -10.74 -6.71 21.22
CA GLU A 87 -12.09 -7.15 20.77
C GLU A 87 -12.73 -6.27 19.69
N ASP A 88 -12.34 -5.01 19.61
CA ASP A 88 -12.84 -4.11 18.54
C ASP A 88 -12.33 -4.51 17.15
N VAL A 89 -11.19 -5.16 17.10
CA VAL A 89 -10.52 -5.50 15.84
C VAL A 89 -11.37 -6.34 14.90
N PRO A 90 -11.91 -7.50 15.37
CA PRO A 90 -12.77 -8.27 14.48
C PRO A 90 -14.04 -7.58 14.11
N GLU A 91 -14.57 -6.74 15.01
CA GLU A 91 -15.73 -5.96 14.63
C GLU A 91 -15.52 -4.92 13.50
N ALA A 92 -14.42 -4.21 13.58
CA ALA A 92 -14.01 -3.26 12.55
C ALA A 92 -13.79 -3.97 11.20
N LEU A 93 -13.16 -5.14 11.24
N LEU A 93 -13.15 -5.12 11.25
CA LEU A 93 -12.97 -5.92 9.99
CA LEU A 93 -12.94 -5.91 10.02
C LEU A 93 -14.30 -6.36 9.40
C LEU A 93 -14.30 -6.29 9.42
N ASN A 94 -15.19 -6.83 10.27
CA ASN A 94 -16.53 -7.17 9.86
C ASN A 94 -17.23 -5.99 9.19
N ASP A 95 -17.09 -4.77 9.75
CA ASP A 95 -17.68 -3.59 9.19
C ASP A 95 -17.06 -3.23 7.86
N SER A 96 -15.73 -3.36 7.75
CA SER A 96 -15.08 -3.03 6.51
C SER A 96 -15.54 -4.01 5.37
N LEU A 97 -15.64 -5.28 5.69
CA LEU A 97 -16.09 -6.26 4.74
C LEU A 97 -17.52 -5.95 4.28
N ASN A 98 -18.39 -5.58 5.21
N ASN A 98 -18.38 -5.58 5.23
CA ASN A 98 -19.77 -5.25 4.85
CA ASN A 98 -19.75 -5.22 4.90
C ASN A 98 -19.80 -4.00 3.96
C ASN A 98 -19.78 -4.01 3.97
N ASP A 99 -19.11 -2.94 4.37
CA ASP A 99 -19.01 -1.75 3.53
C ASP A 99 -18.41 -1.94 2.18
N LEU A 100 -17.29 -2.66 2.10
CA LEU A 100 -16.64 -2.92 0.82
C LEU A 100 -17.40 -3.96 -0.03
N GLN A 101 -18.35 -4.63 0.61
CA GLN A 101 -19.12 -5.74 0.01
C GLN A 101 -18.25 -6.93 -0.37
N LEU A 102 -17.27 -7.23 0.48
CA LEU A 102 -16.33 -8.31 0.23
C LEU A 102 -16.47 -9.40 1.27
N GLU A 103 -15.97 -10.59 0.97
CA GLU A 103 -15.95 -11.74 1.88
C GLU A 103 -14.62 -11.87 2.61
N TYR A 104 -13.59 -11.22 2.08
CA TYR A 104 -12.23 -11.30 2.67
C TYR A 104 -11.47 -10.06 2.15
N LEU A 105 -10.45 -9.69 2.96
CA LEU A 105 -9.49 -8.72 2.56
C LEU A 105 -8.24 -9.47 2.21
N ASP A 106 -7.55 -8.94 1.26
CA ASP A 106 -6.21 -9.49 0.93
C ASP A 106 -5.17 -9.11 1.96
N LEU A 107 -5.36 -7.96 2.58
CA LEU A 107 -4.46 -7.47 3.55
C LEU A 107 -5.18 -6.62 4.57
N TYR A 108 -4.97 -6.89 5.86
CA TYR A 108 -5.51 -6.02 6.92
C TYR A 108 -4.34 -5.54 7.76
N LEU A 109 -4.29 -4.22 7.90
CA LEU A 109 -3.22 -3.56 8.62
C LEU A 109 -3.74 -2.89 9.89
N ILE A 110 -2.91 -2.88 10.90
CA ILE A 110 -3.29 -2.26 12.16
C ILE A 110 -2.19 -1.38 12.69
N HIS A 111 -2.61 -0.32 13.34
CA HIS A 111 -1.70 0.41 14.23
C HIS A 111 -2.23 0.41 15.66
N TRP A 112 -1.33 0.21 16.60
CA TRP A 112 -1.59 0.46 18.01
C TRP A 112 -0.21 0.82 18.64
N PRO A 113 -0.21 1.45 19.83
CA PRO A 113 1.06 1.96 20.38
C PRO A 113 2.14 0.89 20.65
N PHE A 114 1.74 -0.27 21.15
CA PHE A 114 2.68 -1.40 21.39
C PHE A 114 3.87 -1.08 22.31
N PHE A 132 3.31 -10.69 25.00
CA PHE A 132 2.65 -10.87 23.69
C PHE A 132 1.47 -9.92 23.53
N PRO A 133 1.41 -9.12 22.44
CA PRO A 133 0.32 -8.15 22.43
C PRO A 133 -1.00 -8.76 21.97
N ALA A 134 -2.02 -8.55 22.80
CA ALA A 134 -3.31 -9.11 22.50
C ALA A 134 -3.91 -8.49 21.21
N THR A 135 -3.60 -7.23 20.90
CA THR A 135 -4.08 -6.58 19.69
C THR A 135 -3.62 -7.35 18.44
N TRP A 136 -2.35 -7.76 18.45
CA TRP A 136 -1.84 -8.57 17.36
C TRP A 136 -2.48 -9.95 17.34
N GLY A 137 -2.68 -10.53 18.53
CA GLY A 137 -3.43 -11.77 18.65
C GLY A 137 -4.75 -11.74 17.91
N ALA A 138 -5.47 -10.63 18.04
CA ALA A 138 -6.78 -10.48 17.35
C ALA A 138 -6.62 -10.51 15.81
N MET A 139 -5.53 -9.90 15.33
CA MET A 139 -5.17 -9.96 13.93
C MET A 139 -4.86 -11.40 13.45
N GLU A 140 -4.12 -12.12 14.26
CA GLU A 140 -3.74 -13.49 13.91
C GLU A 140 -4.97 -14.38 13.73
N LYS A 141 -5.99 -14.13 14.54
CA LYS A 141 -7.19 -14.96 14.48
C LYS A 141 -7.90 -14.70 13.23
N LEU A 142 -7.88 -13.44 12.77
CA LEU A 142 -8.57 -13.13 11.52
C LEU A 142 -7.87 -13.74 10.31
N TYR A 143 -6.51 -13.77 10.36
CA TYR A 143 -5.67 -14.44 9.41
C TYR A 143 -5.98 -15.94 9.39
N ASP A 144 -6.00 -16.57 10.56
CA ASP A 144 -6.31 -18.00 10.66
C ASP A 144 -7.65 -18.30 10.02
N ALA A 145 -8.60 -17.42 10.18
CA ALA A 145 -9.93 -17.59 9.60
C ALA A 145 -10.05 -17.30 8.12
N GLY A 146 -9.04 -16.70 7.54
CA GLY A 146 -9.12 -16.26 6.18
C GLY A 146 -9.92 -15.02 5.88
N LYS A 147 -10.33 -14.28 6.89
CA LYS A 147 -10.97 -13.02 6.69
C LYS A 147 -9.95 -11.99 6.22
N ALA A 148 -8.72 -12.11 6.66
CA ALA A 148 -7.63 -11.26 6.18
C ALA A 148 -6.59 -12.23 5.69
N ARG A 149 -6.36 -12.30 4.37
CA ARG A 149 -5.44 -13.32 3.83
C ARG A 149 -4.01 -13.05 4.23
N ALA A 150 -3.69 -11.78 4.50
CA ALA A 150 -2.42 -11.35 5.09
C ALA A 150 -2.71 -10.25 6.11
N ILE A 151 -1.89 -10.18 7.12
CA ILE A 151 -1.98 -9.17 8.18
C ILE A 151 -0.68 -8.43 8.29
N GLY A 152 -0.79 -7.15 8.62
CA GLY A 152 0.37 -6.35 8.78
C GLY A 152 0.15 -5.19 9.68
N VAL A 153 1.14 -4.29 9.66
CA VAL A 153 1.11 -3.07 10.44
C VAL A 153 1.27 -1.79 9.62
N SER A 154 0.83 -0.65 10.21
CA SER A 154 1.08 0.62 9.58
C SER A 154 1.92 1.50 10.49
N ASN A 155 2.87 2.25 9.95
CA ASN A 155 3.73 3.15 10.73
C ASN A 155 4.48 2.50 11.88
N PHE A 156 5.10 1.34 11.65
CA PHE A 156 5.97 0.76 12.62
C PHE A 156 7.40 1.04 12.24
N SER A 157 8.15 1.64 13.16
CA SER A 157 9.58 1.75 13.01
C SER A 157 10.25 0.35 13.04
N SER A 158 11.51 0.31 12.60
N SER A 158 11.50 0.30 12.61
CA SER A 158 12.31 -0.93 12.64
CA SER A 158 12.28 -0.95 12.63
C SER A 158 12.28 -1.55 14.01
C SER A 158 12.37 -1.57 14.00
N LYS A 159 12.53 -0.75 15.04
CA LYS A 159 12.54 -1.25 16.42
C LYS A 159 11.20 -1.89 16.79
N LYS A 160 10.12 -1.20 16.48
CA LYS A 160 8.82 -1.75 16.87
C LYS A 160 8.47 -2.97 16.05
N LEU A 161 8.80 -2.91 14.74
CA LEU A 161 8.60 -4.08 13.86
C LEU A 161 9.42 -5.30 14.36
N GLY A 162 10.66 -5.05 14.74
CA GLY A 162 11.48 -6.11 15.35
C GLY A 162 10.89 -6.66 16.65
N ASP A 163 10.34 -5.79 17.48
CA ASP A 163 9.70 -6.24 18.75
C ASP A 163 8.53 -7.20 18.43
N LEU A 164 7.72 -6.81 17.44
CA LEU A 164 6.61 -7.58 17.04
C LEU A 164 7.03 -8.92 16.45
N LEU A 165 8.06 -8.90 15.59
CA LEU A 165 8.53 -10.13 15.02
C LEU A 165 9.03 -11.12 16.08
N ALA A 166 9.57 -10.57 17.15
CA ALA A 166 10.16 -11.41 18.21
C ALA A 166 9.08 -12.20 18.96
N VAL A 167 7.83 -11.71 18.97
CA VAL A 167 6.75 -12.36 19.78
C VAL A 167 5.58 -12.92 18.98
N ALA A 168 5.42 -12.53 17.72
CA ALA A 168 4.26 -12.93 16.91
C ALA A 168 4.32 -14.39 16.54
N ARG A 169 3.18 -15.06 16.50
CA ARG A 169 3.07 -16.35 15.83
C ARG A 169 3.02 -16.19 14.31
N VAL A 170 2.16 -15.30 13.81
CA VAL A 170 2.11 -14.92 12.41
C VAL A 170 2.88 -13.57 12.24
N PRO A 171 4.02 -13.56 11.55
CA PRO A 171 4.74 -12.36 11.44
C PRO A 171 3.95 -11.43 10.50
N PRO A 172 4.15 -10.16 10.69
CA PRO A 172 3.53 -9.20 9.74
C PRO A 172 4.03 -9.47 8.37
N ALA A 173 3.12 -9.42 7.41
CA ALA A 173 3.44 -9.50 6.00
C ALA A 173 3.92 -8.15 5.45
N VAL A 174 3.41 -7.05 5.99
CA VAL A 174 3.64 -5.74 5.41
C VAL A 174 3.80 -4.75 6.55
N ASP A 175 4.63 -3.77 6.34
CA ASP A 175 4.72 -2.55 7.17
C ASP A 175 4.50 -1.42 6.19
N GLN A 176 3.37 -0.72 6.31
CA GLN A 176 3.05 0.33 5.37
C GLN A 176 3.43 1.65 6.03
N VAL A 177 4.29 2.43 5.36
CA VAL A 177 4.90 3.64 5.96
C VAL A 177 5.07 4.71 4.87
N GLU A 178 5.24 5.96 5.29
CA GLU A 178 5.57 7.03 4.33
C GLU A 178 6.97 6.78 3.77
N CYS A 179 7.09 6.67 2.46
CA CYS A 179 8.39 6.38 1.84
C CYS A 179 8.43 6.99 0.52
N HIS A 180 9.37 7.87 0.35
CA HIS A 180 9.56 8.57 -0.92
C HIS A 180 10.99 9.13 -1.01
N PRO A 181 11.35 9.76 -2.15
CA PRO A 181 12.78 10.17 -2.24
C PRO A 181 13.27 11.16 -1.19
N GLY A 182 12.35 11.96 -0.64
CA GLY A 182 12.67 12.85 0.48
C GLY A 182 12.55 12.29 1.88
N TRP A 183 12.16 11.01 1.94
CA TRP A 183 11.94 10.32 3.19
C TRP A 183 12.11 8.82 2.93
N GLN A 184 13.37 8.42 2.79
CA GLN A 184 13.71 7.17 2.13
C GLN A 184 13.63 5.96 3.05
N GLN A 185 13.48 6.14 4.37
CA GLN A 185 13.25 5.03 5.29
C GLN A 185 14.41 4.03 5.16
N THR A 186 15.66 4.51 5.11
CA THR A 186 16.75 3.61 4.78
C THR A 186 16.91 2.43 5.80
N LYS A 187 16.84 2.79 7.08
CA LYS A 187 16.94 1.80 8.17
C LYS A 187 15.85 0.76 8.07
N LEU A 188 14.60 1.22 7.86
CA LEU A 188 13.50 0.30 7.85
C LEU A 188 13.54 -0.54 6.63
N HIS A 189 13.93 0.04 5.49
CA HIS A 189 14.07 -0.71 4.27
C HIS A 189 15.02 -1.88 4.41
N SER A 190 16.18 -1.60 5.02
N SER A 190 16.18 -1.60 5.00
CA SER A 190 17.19 -2.64 5.28
CA SER A 190 17.18 -2.66 5.23
C SER A 190 16.66 -3.72 6.22
C SER A 190 16.66 -3.72 6.22
N PHE A 191 15.92 -3.31 7.24
CA PHE A 191 15.38 -4.23 8.22
C PHE A 191 14.27 -5.09 7.61
N CYS A 192 13.35 -4.47 6.87
CA CYS A 192 12.35 -5.25 6.11
C CYS A 192 13.01 -6.26 5.16
N GLN A 193 14.01 -5.84 4.39
CA GLN A 193 14.67 -6.75 3.47
C GLN A 193 15.33 -7.92 4.19
N SER A 194 15.93 -7.66 5.34
CA SER A 194 16.58 -8.76 6.09
C SER A 194 15.57 -9.68 6.78
N THR A 195 14.38 -9.16 7.12
CA THR A 195 13.45 -9.97 7.82
C THR A 195 12.40 -10.63 6.93
N GLY A 196 12.16 -10.15 5.71
CA GLY A 196 11.09 -10.70 4.88
C GLY A 196 9.72 -10.01 5.02
N VAL A 197 9.66 -8.93 5.77
CA VAL A 197 8.49 -8.07 5.82
C VAL A 197 8.53 -7.16 4.58
N HIS A 198 7.39 -6.99 3.89
CA HIS A 198 7.33 -6.20 2.70
C HIS A 198 7.00 -4.76 3.12
N LEU A 199 7.64 -3.78 2.47
CA LEU A 199 7.42 -2.38 2.79
C LEU A 199 6.51 -1.83 1.68
N THR A 200 5.34 -1.30 2.08
CA THR A 200 4.48 -0.56 1.17
C THR A 200 4.62 0.93 1.47
N ALA A 201 4.92 1.71 0.40
CA ALA A 201 5.16 3.12 0.50
C ALA A 201 3.84 3.84 0.32
N TYR A 202 3.37 4.52 1.38
CA TYR A 202 2.32 5.53 1.18
C TYR A 202 2.96 6.86 0.97
N SER A 203 2.14 7.80 0.47
CA SER A 203 2.64 9.09 0.01
C SER A 203 3.94 8.98 -0.77
N PRO A 204 3.94 8.21 -1.87
CA PRO A 204 5.24 7.88 -2.56
C PRO A 204 5.69 9.06 -3.45
N LEU A 205 4.82 10.07 -3.59
CA LEU A 205 5.20 11.35 -4.22
C LEU A 205 5.47 12.51 -3.20
N GLY A 206 5.53 12.19 -1.91
CA GLY A 206 5.84 13.17 -0.84
C GLY A 206 4.64 13.98 -0.35
N ASN A 216 8.35 19.91 -1.95
CA ASN A 216 7.80 19.04 -2.99
C ASN A 216 8.91 18.18 -3.63
N VAL A 217 8.91 16.87 -3.40
CA VAL A 217 9.99 16.06 -3.94
C VAL A 217 10.00 15.92 -5.44
N LEU A 218 8.86 16.17 -6.12
CA LEU A 218 8.84 16.20 -7.59
C LEU A 218 9.58 17.40 -8.17
N LYS A 219 9.88 18.43 -7.35
CA LYS A 219 10.73 19.53 -7.79
C LYS A 219 12.21 19.36 -7.44
N GLU A 220 12.54 18.23 -6.83
CA GLU A 220 13.91 17.98 -6.53
C GLU A 220 14.74 17.96 -7.84
N PRO A 221 15.77 18.80 -7.91
CA PRO A 221 16.53 18.75 -9.14
C PRO A 221 17.11 17.39 -9.53
N ILE A 222 17.51 16.56 -8.58
CA ILE A 222 18.03 15.25 -8.94
C ILE A 222 16.94 14.45 -9.68
N ILE A 223 15.70 14.52 -9.17
CA ILE A 223 14.57 13.81 -9.84
C ILE A 223 14.26 14.37 -11.22
N ILE A 224 14.18 15.70 -11.34
CA ILE A 224 13.91 16.36 -12.64
C ILE A 224 14.95 15.94 -13.70
N SER A 225 16.19 15.89 -13.28
CA SER A 225 17.33 15.49 -14.14
C SER A 225 17.28 14.03 -14.64
N ILE A 226 17.02 13.10 -13.71
CA ILE A 226 16.81 11.71 -14.04
C ILE A 226 15.61 11.57 -14.97
N ALA A 227 14.53 12.30 -14.70
CA ALA A 227 13.32 12.24 -15.52
C ALA A 227 13.64 12.67 -16.96
N GLU A 228 14.35 13.76 -17.07
CA GLU A 228 14.85 14.22 -18.40
C GLU A 228 15.78 13.20 -19.07
N LYS A 229 16.73 12.62 -18.34
CA LYS A 229 17.64 11.63 -18.92
C LYS A 229 16.89 10.42 -19.40
N LEU A 230 15.89 9.97 -18.61
CA LEU A 230 15.09 8.78 -19.01
C LEU A 230 13.87 9.04 -19.90
N GLY A 231 13.47 10.27 -20.15
CA GLY A 231 12.29 10.50 -20.96
C GLY A 231 10.98 10.12 -20.25
N LYS A 232 10.96 10.29 -18.93
CA LYS A 232 9.81 9.97 -18.02
C LYS A 232 9.45 11.21 -17.21
N THR A 233 8.28 11.22 -16.58
CA THR A 233 7.95 12.31 -15.67
C THR A 233 8.62 12.18 -14.31
N SER A 234 8.65 13.28 -13.54
CA SER A 234 9.15 13.24 -12.19
C SER A 234 8.43 12.21 -11.31
N ALA A 235 7.11 12.17 -11.40
CA ALA A 235 6.38 11.16 -10.65
C ALA A 235 6.76 9.75 -11.04
N GLN A 236 6.92 9.48 -12.34
CA GLN A 236 7.25 8.14 -12.78
C GLN A 236 8.55 7.71 -12.18
N VAL A 237 9.52 8.60 -12.21
CA VAL A 237 10.84 8.34 -11.59
C VAL A 237 10.78 8.06 -10.13
N ALA A 238 10.02 8.87 -9.42
CA ALA A 238 9.89 8.69 -8.01
C ALA A 238 9.25 7.34 -7.68
N LEU A 239 8.21 6.97 -8.42
CA LEU A 239 7.52 5.70 -8.22
C LEU A 239 8.44 4.54 -8.54
N ARG A 240 9.08 4.64 -9.69
CA ARG A 240 9.99 3.60 -10.12
C ARG A 240 11.14 3.34 -9.17
N TRP A 241 11.68 4.40 -8.59
CA TRP A 241 12.73 4.32 -7.57
C TRP A 241 12.29 3.40 -6.38
N ASN A 242 11.06 3.60 -5.89
CA ASN A 242 10.51 2.85 -4.79
C ASN A 242 10.36 1.39 -5.17
N ILE A 243 9.83 1.18 -6.38
CA ILE A 243 9.63 -0.18 -6.92
C ILE A 243 11.01 -0.88 -6.98
N GLN A 244 12.01 -0.16 -7.44
CA GLN A 244 13.34 -0.77 -7.50
C GLN A 244 14.03 -1.02 -6.21
N MET A 245 13.58 -0.39 -5.10
CA MET A 245 14.01 -0.72 -3.79
C MET A 245 13.23 -1.92 -3.28
N GLY A 246 12.29 -2.49 -4.05
CA GLY A 246 11.50 -3.64 -3.56
C GLY A 246 10.22 -3.29 -2.81
N HIS A 247 9.77 -2.06 -2.98
CA HIS A 247 8.61 -1.53 -2.27
C HIS A 247 7.45 -1.39 -3.21
N SER A 248 6.26 -1.77 -2.73
CA SER A 248 5.03 -1.36 -3.43
C SER A 248 4.72 0.09 -3.15
N VAL A 249 3.96 0.72 -4.04
CA VAL A 249 3.70 2.15 -3.91
C VAL A 249 2.21 2.42 -4.01
N LEU A 250 1.77 3.43 -3.29
CA LEU A 250 0.34 3.81 -3.26
C LEU A 250 0.08 5.23 -3.75
N PRO A 251 0.43 5.52 -5.03
CA PRO A 251 0.14 6.90 -5.46
C PRO A 251 -1.38 7.21 -5.43
N LYS A 252 -1.75 8.46 -5.08
CA LYS A 252 -3.16 8.89 -5.05
C LYS A 252 -3.31 10.00 -6.13
N SER A 253 -4.40 9.94 -6.91
CA SER A 253 -4.70 10.99 -7.90
C SER A 253 -6.21 10.98 -8.15
N THR A 254 -6.76 12.17 -8.37
CA THR A 254 -8.13 12.28 -8.91
C THR A 254 -8.11 12.57 -10.44
N ASN A 255 -6.92 12.68 -11.02
CA ASN A 255 -6.80 12.94 -12.43
C ASN A 255 -6.68 11.67 -13.17
N GLU A 256 -7.53 11.43 -14.17
CA GLU A 256 -7.45 10.18 -14.92
C GLU A 256 -6.17 9.92 -15.68
N GLU A 257 -5.56 10.96 -16.27
N GLU A 257 -5.56 10.98 -16.22
CA GLU A 257 -4.29 10.80 -16.95
CA GLU A 257 -4.33 10.87 -16.91
C GLU A 257 -3.18 10.47 -15.96
C GLU A 257 -3.21 10.48 -15.96
N ARG A 258 -3.12 11.17 -14.82
CA ARG A 258 -2.07 10.87 -13.83
C ARG A 258 -2.31 9.48 -13.22
N ILE A 259 -3.59 9.11 -13.06
CA ILE A 259 -3.90 7.69 -12.67
C ILE A 259 -3.21 6.70 -13.63
N LYS A 260 -3.35 6.93 -14.93
CA LYS A 260 -2.74 6.04 -15.92
C LYS A 260 -1.22 6.08 -15.90
N GLN A 261 -0.69 7.30 -15.80
CA GLN A 261 0.79 7.47 -15.77
C GLN A 261 1.43 6.81 -14.56
N ASN A 262 0.70 6.80 -13.46
CA ASN A 262 1.20 6.24 -12.17
C ASN A 262 1.31 4.72 -12.24
N LEU A 263 0.67 4.10 -13.21
CA LEU A 263 0.87 2.71 -13.54
C LEU A 263 1.96 2.40 -14.56
N ASP A 264 2.42 3.41 -15.29
CA ASP A 264 3.41 3.26 -16.31
C ASP A 264 4.83 3.23 -15.73
N VAL A 265 5.08 2.24 -14.93
CA VAL A 265 6.30 2.11 -14.16
C VAL A 265 6.95 0.73 -14.31
N TYR A 266 6.58 0.01 -15.37
CA TYR A 266 7.00 -1.39 -15.53
C TYR A 266 7.90 -1.74 -16.69
N ASP A 267 7.76 -1.10 -17.83
CA ASP A 267 8.44 -1.59 -19.04
C ASP A 267 9.77 -0.85 -19.24
N TRP A 268 10.22 -0.15 -18.22
CA TRP A 268 11.49 0.59 -18.20
C TRP A 268 12.03 0.57 -16.77
N SER A 269 13.31 0.90 -16.62
CA SER A 269 13.90 0.93 -15.32
C SER A 269 14.86 2.07 -15.16
N ILE A 270 15.20 2.38 -13.92
CA ILE A 270 16.23 3.42 -13.67
C ILE A 270 17.55 2.67 -13.64
N PRO A 271 18.51 3.11 -14.44
CA PRO A 271 19.83 2.40 -14.38
C PRO A 271 20.57 2.65 -13.09
N ASP A 272 21.45 1.72 -12.70
CA ASP A 272 22.16 1.78 -11.42
C ASP A 272 22.85 3.08 -11.15
N ASP A 273 23.43 3.70 -12.18
CA ASP A 273 24.20 4.95 -11.96
C ASP A 273 23.25 6.09 -11.60
N LEU A 274 22.05 6.11 -12.19
CA LEU A 274 21.08 7.15 -11.83
C LEU A 274 20.39 6.87 -10.46
N LEU A 275 20.10 5.62 -10.20
CA LEU A 275 19.57 5.17 -8.94
C LEU A 275 20.44 5.59 -7.78
N ALA A 276 21.77 5.61 -8.00
CA ALA A 276 22.70 5.99 -6.96
C ALA A 276 22.61 7.43 -6.59
N LYS A 277 22.14 8.31 -7.49
CA LYS A 277 22.06 9.74 -7.20
C LYS A 277 20.98 10.05 -6.18
N PHE A 278 20.04 9.14 -6.02
CA PHE A 278 18.99 9.35 -4.98
C PHE A 278 19.55 9.50 -3.59
N SER A 279 20.71 8.90 -3.31
N SER A 279 20.71 8.90 -3.32
CA SER A 279 21.35 9.08 -2.01
CA SER A 279 21.39 9.10 -2.05
C SER A 279 21.73 10.52 -1.64
C SER A 279 21.72 10.53 -1.64
N GLU A 280 21.83 11.43 -2.62
CA GLU A 280 22.18 12.81 -2.38
C GLU A 280 20.97 13.71 -2.18
N ILE A 281 19.74 13.18 -2.21
CA ILE A 281 18.59 14.05 -2.00
C ILE A 281 18.40 14.41 -0.51
N LYS A 282 18.16 15.68 -0.19
CA LYS A 282 17.96 16.09 1.21
C LYS A 282 16.74 15.44 1.77
N GLN A 283 16.87 14.92 2.97
CA GLN A 283 15.74 14.33 3.67
C GLN A 283 15.00 15.36 4.44
N ALA A 284 13.68 15.22 4.50
CA ALA A 284 12.78 16.13 5.26
C ALA A 284 13.16 16.29 6.74
#